data_6Q0F
#
_entry.id   6Q0F
#
_cell.length_a   60.210
_cell.length_b   71.830
_cell.length_c   112.280
_cell.angle_alpha   90.000
_cell.angle_beta   90.000
_cell.angle_gamma   90.000
#
_symmetry.space_group_name_H-M   'I 21 21 21'
#
loop_
_entity.id
_entity.type
_entity.pdbx_description
1 polymer 'Putative methyl-accepting chemotaxis protein'
2 non-polymer VALINE
3 non-polymer 'SODIUM ION'
4 non-polymer 'CHLORIDE ION'
5 water water
#
_entity_poly.entity_id   1
_entity_poly.type   'polypeptide(L)'
_entity_poly.pdbx_seq_one_letter_code
;GIDPFTQRNAIREDLDNYLNEMGEVTADNIQTWLSGRILLIENAAQNIAINPEPAAVASLLEQKALTSTFMASYLGDATG
HFTIRPDAKMPDGFDPRVRPWYKGAESSSTSTLTEPYIDAATGQTIISIATAAKKAGQSVGVVGGDLSLQTLINTLSARD
FSGMGYAFLVSADGKILVHPDKALVMKSLKEAYPQDTPRISSDFSEVTVDGKTRIVNFTPIKGLPSVNWYIGLSVDKDKA
FSMLSEFRTS
;
_entity_poly.pdbx_strand_id   A
#
loop_
_chem_comp.id
_chem_comp.type
_chem_comp.name
_chem_comp.formula
CL non-polymer 'CHLORIDE ION' 'Cl -1'
NA non-polymer 'SODIUM ION' 'Na 1'
#
# COMPACT_ATOMS: atom_id res chain seq x y z
N ARG A 12 13.11 24.11 -21.26
CA ARG A 12 12.31 22.86 -21.07
C ARG A 12 13.14 21.82 -20.29
N GLU A 13 14.48 21.88 -20.38
CA GLU A 13 15.40 21.29 -19.37
C GLU A 13 15.01 21.79 -17.98
N ASP A 14 14.52 23.04 -17.90
CA ASP A 14 14.13 23.72 -16.65
C ASP A 14 12.86 23.07 -16.12
N LEU A 15 11.92 22.76 -17.02
CA LEU A 15 10.69 22.06 -16.61
C LEU A 15 11.07 20.68 -16.04
N ASP A 16 12.15 20.08 -16.57
CA ASP A 16 12.40 18.62 -16.45
C ASP A 16 13.16 18.42 -15.13
N ASN A 17 14.06 19.35 -14.84
CA ASN A 17 14.59 19.64 -13.49
C ASN A 17 13.44 19.65 -12.46
N TYR A 18 12.51 20.59 -12.59
CA TYR A 18 11.43 20.85 -11.61
C TYR A 18 10.59 19.57 -11.43
N LEU A 19 10.35 18.81 -12.50
CA LEU A 19 9.50 17.60 -12.40
C LEU A 19 10.33 16.49 -11.73
N ASN A 20 11.62 16.41 -12.06
CA ASN A 20 12.56 15.43 -11.44
C ASN A 20 12.67 15.69 -9.93
N GLU A 21 12.67 16.96 -9.52
CA GLU A 21 12.92 17.38 -8.13
C GLU A 21 11.60 17.38 -7.32
N MET A 22 10.47 17.65 -7.98
CA MET A 22 9.17 17.54 -7.28
C MET A 22 8.89 16.05 -7.10
N GLY A 23 9.29 15.24 -8.08
CA GLY A 23 9.08 13.78 -8.11
C GLY A 23 9.76 13.13 -6.92
N GLU A 24 10.86 13.73 -6.47
CA GLU A 24 11.77 13.18 -5.42
C GLU A 24 11.20 13.61 -4.07
N VAL A 25 10.72 14.84 -3.97
CA VAL A 25 10.11 15.40 -2.73
C VAL A 25 8.79 14.65 -2.45
N THR A 26 8.09 14.20 -3.49
CA THR A 26 6.81 13.46 -3.33
C THR A 26 7.17 12.00 -3.01
N ALA A 27 8.13 11.43 -3.73
CA ALA A 27 8.58 10.05 -3.51
C ALA A 27 9.07 9.90 -2.06
N ASP A 28 9.64 10.96 -1.50
CA ASP A 28 10.20 10.98 -0.12
C ASP A 28 9.08 11.11 0.90
N ASN A 29 8.21 12.11 0.74
CA ASN A 29 7.12 12.43 1.69
C ASN A 29 6.20 11.20 1.81
N ILE A 30 6.07 10.43 0.74
CA ILE A 30 5.15 9.26 0.70
C ILE A 30 5.86 8.04 1.28
N GLN A 31 7.09 7.76 0.88
CA GLN A 31 7.93 6.69 1.48
C GLN A 31 7.89 6.80 3.02
N THR A 32 7.89 8.03 3.54
CA THR A 32 8.04 8.33 4.99
C THR A 32 6.68 8.13 5.64
N TRP A 33 5.62 8.56 4.98
CA TRP A 33 4.23 8.44 5.51
C TRP A 33 3.91 6.96 5.65
N LEU A 34 4.38 6.14 4.70
CA LEU A 34 4.04 4.70 4.65
C LEU A 34 4.85 3.97 5.74
N SER A 35 6.05 4.45 6.06
CA SER A 35 7.07 3.65 6.77
C SER A 35 6.79 3.70 8.28
N GLY A 36 6.21 4.81 8.75
CA GLY A 36 5.49 4.92 10.03
C GLY A 36 4.45 3.83 10.18
N ARG A 37 3.62 3.65 9.15
CA ARG A 37 2.49 2.68 9.14
C ARG A 37 3.07 1.28 9.17
N ILE A 38 4.08 1.07 8.34
CA ILE A 38 4.77 -0.24 8.19
C ILE A 38 5.34 -0.64 9.55
N LEU A 39 5.90 0.30 10.31
CA LEU A 39 6.57 0.03 11.62
C LEU A 39 5.51 -0.41 12.65
N LEU A 40 4.35 0.23 12.67
CA LEU A 40 3.24 -0.19 13.58
C LEU A 40 2.86 -1.64 13.30
N ILE A 41 2.67 -2.00 12.03
CA ILE A 41 2.27 -3.38 11.66
C ILE A 41 3.38 -4.35 12.07
N GLU A 42 4.64 -3.97 11.85
CA GLU A 42 5.79 -4.81 12.27
C GLU A 42 5.79 -4.95 13.79
N ASN A 43 5.51 -3.87 14.53
CA ASN A 43 5.50 -3.89 16.02
C ASN A 43 4.37 -4.82 16.45
N ALA A 44 3.19 -4.72 15.83
CA ALA A 44 2.04 -5.61 16.11
C ALA A 44 2.48 -7.07 15.97
N ALA A 45 3.08 -7.41 14.83
CA ALA A 45 3.50 -8.79 14.54
C ALA A 45 4.50 -9.24 15.61
N GLN A 46 5.46 -8.37 15.95
CA GLN A 46 6.50 -8.65 16.99
C GLN A 46 5.80 -8.89 18.34
N ASN A 47 4.81 -8.05 18.65
CA ASN A 47 4.04 -8.12 19.93
C ASN A 47 3.23 -9.42 19.94
N ILE A 48 2.53 -9.71 18.84
CA ILE A 48 1.66 -10.91 18.77
C ILE A 48 2.54 -12.13 19.04
N ALA A 49 3.72 -12.16 18.43
CA ALA A 49 4.74 -13.24 18.54
C ALA A 49 5.13 -13.44 20.01
N ILE A 50 5.14 -12.37 20.82
CA ILE A 50 5.47 -12.47 22.28
C ILE A 50 4.51 -13.51 22.86
N ASN A 51 3.21 -13.35 22.59
CA ASN A 51 2.12 -14.17 23.17
C ASN A 51 0.92 -14.21 22.22
N PRO A 52 0.82 -15.28 21.40
CA PRO A 52 -0.23 -15.37 20.39
C PRO A 52 -1.54 -16.02 20.86
N GLU A 53 -1.77 -16.09 22.17
CA GLU A 53 -3.12 -16.40 22.71
C GLU A 53 -4.12 -15.42 22.11
N PRO A 54 -5.31 -15.87 21.68
CA PRO A 54 -6.29 -14.99 21.06
C PRO A 54 -6.74 -13.78 21.91
N ALA A 55 -6.83 -13.92 23.22
CA ALA A 55 -7.23 -12.79 24.08
C ALA A 55 -6.13 -11.72 23.97
N ALA A 56 -4.87 -12.14 24.01
CA ALA A 56 -3.67 -11.27 23.94
C ALA A 56 -3.62 -10.62 22.55
N VAL A 57 -3.90 -11.40 21.50
CA VAL A 57 -3.90 -10.86 20.11
C VAL A 57 -4.95 -9.75 20.03
N ALA A 58 -6.16 -10.03 20.52
CA ALA A 58 -7.32 -9.13 20.40
C ALA A 58 -7.01 -7.80 21.11
N SER A 59 -6.43 -7.89 22.29
CA SER A 59 -6.06 -6.71 23.13
C SER A 59 -5.11 -5.83 22.32
N LEU A 60 -4.09 -6.42 21.71
CA LEU A 60 -3.15 -5.67 20.84
C LEU A 60 -3.92 -4.96 19.71
N LEU A 61 -4.74 -5.67 18.93
CA LEU A 61 -5.37 -5.10 17.72
C LEU A 61 -6.41 -4.04 18.05
N GLU A 62 -6.90 -4.03 19.30
CA GLU A 62 -7.86 -3.02 19.84
C GLU A 62 -7.19 -1.68 20.19
N GLN A 63 -5.87 -1.60 20.28
CA GLN A 63 -5.26 -0.35 20.83
C GLN A 63 -5.38 0.79 19.81
N LYS A 64 -5.48 2.02 20.32
CA LYS A 64 -5.85 3.24 19.54
C LYS A 64 -4.80 3.57 18.46
N ALA A 65 -3.51 3.34 18.70
CA ALA A 65 -2.45 3.65 17.70
C ALA A 65 -2.77 2.87 16.42
N LEU A 66 -3.30 1.65 16.54
CA LEU A 66 -3.72 0.76 15.42
C LEU A 66 -5.11 1.16 14.87
N THR A 67 -6.12 1.28 15.73
CA THR A 67 -7.53 1.49 15.32
C THR A 67 -7.70 2.89 14.70
N SER A 68 -6.86 3.86 15.10
CA SER A 68 -6.86 5.23 14.56
C SER A 68 -6.10 5.26 13.24
N THR A 69 -5.14 4.36 13.00
CA THR A 69 -4.23 4.51 11.84
C THR A 69 -4.85 3.78 10.65
N PHE A 70 -5.47 2.64 10.92
CA PHE A 70 -5.93 1.68 9.89
C PHE A 70 -7.45 1.57 9.99
N MET A 71 -8.10 1.16 8.90
CA MET A 71 -9.55 0.87 8.91
C MET A 71 -9.79 -0.32 9.85
N ALA A 72 -8.90 -1.30 9.83
CA ALA A 72 -8.85 -2.40 10.80
C ALA A 72 -7.48 -3.05 10.69
N SER A 73 -7.16 -3.90 11.67
CA SER A 73 -5.96 -4.76 11.62
C SER A 73 -6.36 -6.12 12.17
N TYR A 74 -5.58 -7.15 11.86
CA TYR A 74 -6.09 -8.54 11.93
C TYR A 74 -4.88 -9.47 11.96
N LEU A 75 -5.18 -10.68 12.42
CA LEU A 75 -4.25 -11.82 12.35
C LEU A 75 -4.96 -12.99 11.68
N GLY A 76 -4.29 -13.57 10.69
CA GLY A 76 -4.68 -14.82 10.02
C GLY A 76 -3.61 -15.86 10.23
N ASP A 77 -3.98 -17.12 10.42
CA ASP A 77 -2.95 -18.17 10.57
C ASP A 77 -3.26 -19.36 9.64
N ALA A 78 -2.35 -20.35 9.65
CA ALA A 78 -2.23 -21.44 8.68
C ALA A 78 -3.34 -22.47 8.89
N THR A 79 -3.91 -22.56 10.10
CA THR A 79 -5.14 -23.35 10.38
C THR A 79 -6.40 -22.52 10.14
N GLY A 80 -6.23 -21.28 9.68
CA GLY A 80 -7.35 -20.42 9.25
C GLY A 80 -8.08 -19.74 10.40
N HIS A 81 -7.42 -19.59 11.55
N HIS A 81 -7.45 -19.63 11.57
CA HIS A 81 -7.88 -18.71 12.66
CA HIS A 81 -7.94 -18.73 12.66
C HIS A 81 -7.79 -17.26 12.21
C HIS A 81 -7.82 -17.28 12.19
N PHE A 82 -8.73 -16.43 12.67
CA PHE A 82 -8.86 -15.04 12.19
C PHE A 82 -9.36 -14.18 13.35
N THR A 83 -8.64 -13.09 13.59
CA THR A 83 -9.03 -12.04 14.54
C THR A 83 -8.84 -10.72 13.83
N ILE A 84 -9.88 -9.88 13.87
CA ILE A 84 -9.88 -8.50 13.29
C ILE A 84 -10.45 -7.52 14.33
N ARG A 85 -9.86 -6.32 14.40
CA ARG A 85 -10.36 -5.17 15.19
C ARG A 85 -10.32 -3.93 14.30
N PRO A 86 -11.38 -3.08 14.33
CA PRO A 86 -12.67 -3.42 14.90
C PRO A 86 -13.26 -4.74 14.39
N ASP A 87 -14.08 -5.40 15.20
CA ASP A 87 -14.63 -6.74 14.84
C ASP A 87 -15.65 -6.56 13.73
N ALA A 88 -15.75 -7.52 12.80
CA ALA A 88 -16.75 -7.45 11.71
C ALA A 88 -17.16 -8.88 11.34
N LYS A 89 -18.44 -9.06 11.00
CA LYS A 89 -18.89 -10.34 10.39
C LYS A 89 -18.22 -10.44 9.02
N MET A 90 -17.45 -11.51 8.80
CA MET A 90 -16.83 -11.71 7.47
C MET A 90 -17.78 -12.53 6.60
N PRO A 91 -17.75 -12.35 5.25
CA PRO A 91 -18.63 -13.11 4.37
C PRO A 91 -18.39 -14.61 4.56
N ASP A 92 -19.42 -15.44 4.33
CA ASP A 92 -19.36 -16.91 4.52
C ASP A 92 -18.25 -17.49 3.64
N GLY A 93 -17.46 -18.44 4.15
CA GLY A 93 -16.27 -18.93 3.40
C GLY A 93 -15.42 -17.77 2.90
N PHE A 94 -15.24 -16.78 3.78
CA PHE A 94 -13.98 -16.00 3.89
C PHE A 94 -12.94 -16.94 4.51
N ASP A 95 -11.74 -16.92 3.95
CA ASP A 95 -10.56 -17.63 4.51
C ASP A 95 -9.41 -16.63 4.41
N PRO A 96 -8.77 -16.27 5.54
CA PRO A 96 -7.65 -15.33 5.47
C PRO A 96 -6.51 -15.79 4.53
N ARG A 97 -6.32 -17.10 4.36
CA ARG A 97 -5.10 -17.70 3.72
C ARG A 97 -5.09 -17.49 2.19
N VAL A 98 -6.24 -17.19 1.58
CA VAL A 98 -6.39 -16.96 0.12
C VAL A 98 -6.34 -15.45 -0.16
N ARG A 99 -6.29 -14.63 0.88
CA ARG A 99 -6.37 -13.16 0.70
C ARG A 99 -5.01 -12.68 0.23
N PRO A 100 -4.95 -11.55 -0.51
CA PRO A 100 -3.71 -11.01 -1.06
C PRO A 100 -2.70 -10.66 0.03
N TRP A 101 -3.17 -10.09 1.15
CA TRP A 101 -2.27 -9.61 2.23
C TRP A 101 -1.55 -10.82 2.80
N TYR A 102 -2.21 -11.97 2.81
CA TYR A 102 -1.68 -13.20 3.46
C TYR A 102 -0.63 -13.84 2.54
N LYS A 103 -1.05 -14.19 1.33
CA LYS A 103 -0.17 -14.75 0.27
C LYS A 103 1.01 -13.81 0.07
N GLY A 104 0.77 -12.50 0.08
CA GLY A 104 1.83 -11.49 -0.10
C GLY A 104 2.88 -11.61 1.00
N ALA A 105 2.46 -11.60 2.27
CA ALA A 105 3.39 -11.64 3.41
C ALA A 105 4.03 -13.02 3.48
N GLU A 106 3.31 -14.06 3.04
CA GLU A 106 3.77 -15.46 3.12
C GLU A 106 4.93 -15.66 2.16
N SER A 107 4.96 -14.89 1.07
CA SER A 107 5.99 -14.97 0.00
C SER A 107 6.99 -13.82 0.18
N SER A 108 7.27 -13.41 1.43
CA SER A 108 8.19 -12.29 1.75
C SER A 108 8.83 -12.52 3.13
N SER A 109 10.14 -12.24 3.24
CA SER A 109 10.94 -12.36 4.48
C SER A 109 10.97 -10.99 5.18
N THR A 110 10.27 -10.00 4.64
CA THR A 110 9.93 -8.76 5.38
C THR A 110 8.48 -8.34 5.18
N SER A 111 8.12 -7.18 5.70
CA SER A 111 6.76 -6.59 5.57
C SER A 111 6.50 -6.30 4.09
N THR A 112 5.25 -6.38 3.65
CA THR A 112 4.89 -6.07 2.24
C THR A 112 3.67 -5.14 2.21
N LEU A 113 3.45 -4.49 1.07
CA LEU A 113 2.24 -3.68 0.74
C LEU A 113 1.52 -4.33 -0.45
N THR A 114 0.20 -4.51 -0.36
CA THR A 114 -0.57 -5.10 -1.49
C THR A 114 -0.82 -4.00 -2.52
N GLU A 115 -1.08 -4.40 -3.76
CA GLU A 115 -1.80 -3.53 -4.72
C GLU A 115 -3.25 -3.47 -4.26
N PRO A 116 -3.98 -2.41 -4.72
CA PRO A 116 -5.42 -2.29 -4.50
C PRO A 116 -6.10 -3.64 -4.68
N TYR A 117 -7.07 -3.92 -3.82
CA TYR A 117 -8.02 -5.04 -3.96
C TYR A 117 -9.33 -4.63 -3.29
N ILE A 118 -10.29 -5.55 -3.25
CA ILE A 118 -11.65 -5.34 -2.69
C ILE A 118 -11.71 -5.89 -1.26
N ASP A 119 -11.88 -5.01 -0.29
CA ASP A 119 -12.03 -5.38 1.14
C ASP A 119 -13.19 -6.38 1.26
N ALA A 120 -12.92 -7.54 1.89
CA ALA A 120 -13.92 -8.52 2.34
C ALA A 120 -14.82 -7.89 3.41
N ALA A 121 -14.26 -7.00 4.25
CA ALA A 121 -14.92 -6.37 5.41
C ALA A 121 -15.92 -5.30 4.95
N THR A 122 -15.45 -4.28 4.22
CA THR A 122 -16.25 -3.08 3.83
C THR A 122 -16.74 -3.19 2.40
N GLY A 123 -16.13 -4.06 1.57
CA GLY A 123 -16.32 -4.05 0.11
C GLY A 123 -15.72 -2.82 -0.56
N GLN A 124 -14.96 -1.98 0.14
CA GLN A 124 -14.32 -0.81 -0.51
C GLN A 124 -12.92 -1.21 -1.03
N THR A 125 -12.38 -0.42 -1.96
CA THR A 125 -11.04 -0.62 -2.54
C THR A 125 -9.98 -0.11 -1.56
N ILE A 126 -9.02 -0.98 -1.23
CA ILE A 126 -8.05 -0.77 -0.12
C ILE A 126 -6.69 -1.27 -0.58
N ILE A 127 -5.64 -0.91 0.17
CA ILE A 127 -4.36 -1.65 0.14
C ILE A 127 -4.10 -2.13 1.57
N SER A 128 -3.31 -3.18 1.72
CA SER A 128 -2.93 -3.72 3.04
C SER A 128 -1.40 -3.67 3.19
N ILE A 129 -0.91 -3.29 4.37
CA ILE A 129 0.45 -3.58 4.89
C ILE A 129 0.37 -4.86 5.74
N ALA A 130 1.19 -5.84 5.42
CA ALA A 130 1.14 -7.18 6.01
C ALA A 130 2.58 -7.67 6.29
N THR A 131 2.75 -8.45 7.34
CA THR A 131 4.03 -9.13 7.67
C THR A 131 3.75 -10.44 8.42
N ALA A 132 4.58 -11.46 8.18
CA ALA A 132 4.60 -12.71 8.96
C ALA A 132 4.99 -12.41 10.41
N ALA A 133 4.21 -12.89 11.39
CA ALA A 133 4.61 -12.89 12.81
C ALA A 133 5.44 -14.15 13.08
N LYS A 134 6.66 -13.99 13.57
CA LYS A 134 7.63 -15.10 13.73
C LYS A 134 8.06 -15.17 15.20
N LYS A 135 7.89 -16.32 15.86
CA LYS A 135 8.46 -16.64 17.20
C LYS A 135 9.57 -17.69 17.05
N ALA A 136 10.81 -17.30 17.34
CA ALA A 136 12.01 -18.14 17.20
C ALA A 136 12.01 -18.84 15.84
N GLY A 137 11.92 -18.08 14.75
CA GLY A 137 12.02 -18.57 13.36
C GLY A 137 10.68 -19.06 12.83
N GLN A 138 9.93 -19.80 13.67
CA GLN A 138 8.56 -20.34 13.40
C GLN A 138 7.57 -19.20 13.12
N SER A 139 6.55 -19.46 12.29
CA SER A 139 5.48 -18.50 11.92
C SER A 139 4.25 -18.78 12.77
N VAL A 140 3.63 -17.75 13.35
CA VAL A 140 2.37 -17.89 14.13
C VAL A 140 1.23 -17.27 13.31
N GLY A 141 1.54 -16.65 12.18
CA GLY A 141 0.51 -16.13 11.26
C GLY A 141 0.97 -14.86 10.56
N VAL A 142 0.03 -14.13 9.98
CA VAL A 142 0.30 -12.91 9.18
C VAL A 142 -0.57 -11.80 9.76
N VAL A 143 0.06 -10.67 10.12
CA VAL A 143 -0.65 -9.48 10.64
C VAL A 143 -0.85 -8.53 9.46
N GLY A 144 -2.02 -7.89 9.42
CA GLY A 144 -2.29 -6.85 8.40
C GLY A 144 -3.05 -5.66 8.94
N GLY A 145 -2.93 -4.57 8.20
CA GLY A 145 -3.60 -3.27 8.43
C GLY A 145 -4.08 -2.70 7.12
N ASP A 146 -5.32 -2.20 7.07
CA ASP A 146 -6.02 -1.77 5.83
C ASP A 146 -5.99 -0.26 5.78
N LEU A 147 -5.58 0.26 4.62
CA LEU A 147 -5.71 1.68 4.21
C LEU A 147 -6.61 1.77 2.97
N SER A 148 -7.56 2.69 3.03
CA SER A 148 -8.59 2.96 2.00
C SER A 148 -7.89 3.58 0.80
N LEU A 149 -8.42 3.36 -0.40
CA LEU A 149 -7.96 4.02 -1.63
C LEU A 149 -8.12 5.54 -1.47
N GLN A 150 -9.23 5.98 -0.87
CA GLN A 150 -9.48 7.44 -0.69
C GLN A 150 -8.38 8.01 0.23
N THR A 151 -8.02 7.29 1.31
CA THR A 151 -6.92 7.72 2.21
C THR A 151 -5.62 7.90 1.40
N LEU A 152 -5.30 6.98 0.49
CA LEU A 152 -4.06 7.05 -0.34
C LEU A 152 -4.19 8.19 -1.36
N ILE A 153 -5.37 8.41 -1.93
CA ILE A 153 -5.59 9.58 -2.84
C ILE A 153 -5.34 10.88 -2.07
N ASN A 154 -5.80 10.95 -0.81
CA ASN A 154 -5.72 12.16 0.03
C ASN A 154 -4.27 12.46 0.39
N THR A 155 -3.56 11.46 0.93
CA THR A 155 -2.13 11.58 1.33
C THR A 155 -1.31 12.07 0.13
N LEU A 156 -1.52 11.47 -1.04
CA LEU A 156 -0.81 11.89 -2.26
C LEU A 156 -1.12 13.34 -2.58
N SER A 157 -2.39 13.73 -2.56
CA SER A 157 -2.86 15.09 -2.96
C SER A 157 -2.32 16.12 -1.98
N ALA A 158 -2.14 15.74 -0.70
CA ALA A 158 -1.62 16.62 0.37
C ALA A 158 -0.09 16.78 0.20
N ARG A 159 0.56 15.74 -0.34
CA ARG A 159 2.04 15.62 -0.37
C ARG A 159 2.56 15.91 -1.79
N ASP A 160 1.92 16.86 -2.50
CA ASP A 160 2.47 17.52 -3.71
C ASP A 160 2.20 16.63 -4.93
N GLY A 163 3.08 21.08 -6.86
CA GLY A 163 3.71 21.87 -7.93
C GLY A 163 2.71 22.46 -8.93
N MET A 164 2.48 21.78 -10.07
CA MET A 164 1.82 22.36 -11.26
C MET A 164 1.08 21.31 -12.10
N GLY A 165 0.60 20.21 -11.49
CA GLY A 165 -0.21 19.16 -12.13
C GLY A 165 -0.80 18.20 -11.10
N TYR A 166 -0.66 16.89 -11.30
CA TYR A 166 -1.14 15.88 -10.32
C TYR A 166 -0.11 14.74 -10.16
N ALA A 167 -0.09 14.16 -8.97
CA ALA A 167 0.76 13.01 -8.60
C ALA A 167 -0.09 11.73 -8.56
N PHE A 168 0.49 10.63 -9.03
CA PHE A 168 -0.16 9.31 -9.02
C PHE A 168 0.93 8.31 -8.69
N LEU A 169 0.49 7.12 -8.31
CA LEU A 169 1.36 6.00 -7.85
C LEU A 169 1.15 4.83 -8.79
N VAL A 170 2.26 4.24 -9.25
CA VAL A 170 2.26 3.18 -10.31
C VAL A 170 3.32 2.15 -9.90
N SER A 171 3.08 0.85 -10.12
CA SER A 171 4.12 -0.19 -9.90
C SER A 171 5.13 -0.18 -11.04
N ALA A 172 6.25 -0.87 -10.87
CA ALA A 172 7.32 -0.96 -11.88
C ALA A 172 6.77 -1.65 -13.14
N ASP A 173 5.75 -2.51 -12.98
CA ASP A 173 5.11 -3.25 -14.11
C ASP A 173 4.08 -2.38 -14.82
N GLY A 174 3.86 -1.15 -14.38
CA GLY A 174 2.98 -0.17 -15.08
C GLY A 174 1.56 -0.25 -14.56
N LYS A 175 1.34 -0.90 -13.42
CA LYS A 175 -0.03 -1.05 -12.86
C LYS A 175 -0.32 0.23 -12.08
N ILE A 176 -1.37 0.96 -12.46
CA ILE A 176 -1.75 2.24 -11.78
C ILE A 176 -2.40 1.87 -10.44
N LEU A 177 -1.86 2.37 -9.33
CA LEU A 177 -2.22 1.85 -7.98
C LEU A 177 -3.13 2.90 -7.34
N VAL A 178 -2.71 4.15 -7.38
CA VAL A 178 -3.44 5.28 -6.77
C VAL A 178 -3.46 6.41 -7.79
N HIS A 179 -4.65 6.84 -8.15
CA HIS A 179 -4.85 7.92 -9.15
C HIS A 179 -6.05 8.72 -8.67
N PRO A 180 -5.96 10.07 -8.66
CA PRO A 180 -7.12 10.90 -8.37
C PRO A 180 -8.30 10.64 -9.31
N ASP A 181 -8.04 10.01 -10.46
CA ASP A 181 -9.06 9.40 -11.35
C ASP A 181 -9.15 7.90 -11.05
N LYS A 182 -10.10 7.54 -10.20
CA LYS A 182 -10.31 6.19 -9.62
C LYS A 182 -10.66 5.19 -10.72
N ALA A 183 -11.17 5.70 -11.85
CA ALA A 183 -11.50 4.91 -13.05
C ALA A 183 -10.22 4.24 -13.58
N LEU A 184 -9.05 4.84 -13.33
CA LEU A 184 -7.77 4.36 -13.90
C LEU A 184 -7.09 3.38 -12.94
N VAL A 185 -7.58 3.24 -11.71
CA VAL A 185 -6.93 2.41 -10.65
C VAL A 185 -6.92 0.95 -11.11
N MET A 186 -5.70 0.38 -11.23
CA MET A 186 -5.43 -1.05 -11.55
C MET A 186 -5.67 -1.32 -13.04
N LYS A 187 -5.81 -0.26 -13.83
CA LYS A 187 -5.41 -0.23 -15.26
C LYS A 187 -3.88 -0.16 -15.33
N SER A 188 -3.28 -0.81 -16.33
CA SER A 188 -1.89 -0.53 -16.79
C SER A 188 -1.83 0.87 -17.44
N LEU A 189 -0.62 1.41 -17.60
CA LEU A 189 -0.33 2.64 -18.37
C LEU A 189 -0.78 2.45 -19.83
N LYS A 190 -0.47 1.31 -20.44
CA LYS A 190 -0.92 1.02 -21.83
C LYS A 190 -2.45 1.10 -21.89
N GLU A 191 -3.15 0.47 -20.94
CA GLU A 191 -4.64 0.36 -21.00
C GLU A 191 -5.24 1.73 -20.65
N ALA A 192 -4.54 2.53 -19.84
CA ALA A 192 -5.04 3.81 -19.30
C ALA A 192 -4.69 4.94 -20.25
N TYR A 193 -3.64 4.78 -21.06
CA TYR A 193 -3.12 5.84 -21.96
C TYR A 193 -2.76 5.20 -23.30
N PRO A 194 -3.74 4.61 -24.02
CA PRO A 194 -3.46 3.69 -25.13
C PRO A 194 -2.91 4.41 -26.37
N GLN A 195 -3.47 5.60 -26.66
CA GLN A 195 -3.12 6.49 -27.79
C GLN A 195 -1.60 6.71 -27.83
N ASP A 196 -1.02 7.23 -26.74
CA ASP A 196 0.44 7.42 -26.56
C ASP A 196 0.84 6.94 -25.16
N THR A 197 1.48 5.77 -25.07
CA THR A 197 1.67 5.02 -23.80
C THR A 197 3.05 5.35 -23.22
N PRO A 198 3.13 6.19 -22.17
CA PRO A 198 4.40 6.50 -21.53
C PRO A 198 4.97 5.28 -20.78
N ARG A 199 6.29 5.08 -20.85
CA ARG A 199 6.96 3.89 -20.28
C ARG A 199 7.64 4.36 -18.99
N ILE A 200 7.71 3.49 -18.00
CA ILE A 200 8.41 3.81 -16.72
C ILE A 200 9.92 3.69 -16.96
N SER A 201 10.29 2.96 -18.01
CA SER A 201 11.66 2.82 -18.56
C SER A 201 12.35 4.19 -18.70
N SER A 202 11.62 5.24 -19.13
CA SER A 202 12.14 6.62 -19.32
C SER A 202 11.71 7.57 -18.18
N ASP A 203 12.68 8.26 -17.59
CA ASP A 203 12.48 9.33 -16.57
C ASP A 203 11.38 10.29 -17.04
N PHE A 204 11.23 10.53 -18.36
CA PHE A 204 10.28 11.50 -18.96
C PHE A 204 9.49 10.89 -20.14
N SER A 205 8.30 11.46 -20.39
CA SER A 205 7.32 11.01 -21.40
C SER A 205 6.53 12.21 -21.96
N GLU A 206 5.26 12.01 -22.35
CA GLU A 206 4.56 12.75 -23.44
C GLU A 206 3.39 11.92 -23.97
N ARG A 214 0.75 17.23 -22.21
CA ARG A 214 0.72 16.49 -20.92
C ARG A 214 2.02 15.69 -20.76
N ILE A 215 3.01 16.26 -20.06
CA ILE A 215 4.32 15.59 -19.80
C ILE A 215 4.27 14.87 -18.45
N VAL A 216 4.53 13.56 -18.49
CA VAL A 216 4.48 12.61 -17.34
C VAL A 216 5.91 12.16 -17.01
N ASN A 217 6.27 12.19 -15.74
CA ASN A 217 7.60 11.68 -15.30
C ASN A 217 7.43 10.76 -14.08
N PHE A 218 8.31 9.76 -14.00
CA PHE A 218 8.33 8.66 -13.01
C PHE A 218 9.59 8.73 -12.14
N THR A 219 9.40 8.86 -10.82
CA THR A 219 10.43 8.76 -9.75
C THR A 219 10.26 7.45 -8.98
N PRO A 220 11.30 6.60 -8.83
CA PRO A 220 11.17 5.38 -8.02
C PRO A 220 10.99 5.84 -6.56
N ILE A 221 10.13 5.16 -5.79
CA ILE A 221 10.02 5.49 -4.35
C ILE A 221 11.10 4.71 -3.60
N LYS A 222 11.99 5.44 -2.92
CA LYS A 222 13.23 4.85 -2.34
C LYS A 222 12.88 4.26 -0.98
N GLY A 223 13.18 2.98 -0.76
CA GLY A 223 13.24 2.39 0.59
C GLY A 223 11.86 2.04 1.10
N LEU A 224 11.08 1.33 0.27
CA LEU A 224 9.88 0.59 0.70
C LEU A 224 10.28 -0.87 0.81
N PRO A 225 9.72 -1.62 1.78
CA PRO A 225 9.93 -3.05 1.84
C PRO A 225 9.17 -3.70 0.69
N SER A 226 9.79 -4.68 0.03
CA SER A 226 9.16 -5.70 -0.85
C SER A 226 8.78 -5.18 -2.24
N VAL A 227 8.56 -3.88 -2.41
CA VAL A 227 7.84 -3.37 -3.61
C VAL A 227 8.75 -2.41 -4.36
N ASN A 228 8.64 -2.41 -5.70
CA ASN A 228 9.25 -1.37 -6.58
C ASN A 228 8.12 -0.53 -7.19
N TRP A 229 7.89 0.66 -6.63
CA TRP A 229 6.75 1.56 -6.97
C TRP A 229 7.31 2.91 -7.42
N TYR A 230 6.54 3.65 -8.22
CA TYR A 230 6.92 5.01 -8.70
C TYR A 230 5.84 6.02 -8.34
N ILE A 231 6.28 7.25 -8.06
CA ILE A 231 5.50 8.50 -8.25
C ILE A 231 5.54 8.89 -9.73
N GLY A 232 4.39 8.85 -10.38
CA GLY A 232 4.16 9.67 -11.58
C GLY A 232 3.75 11.08 -11.22
N LEU A 233 4.40 12.07 -11.83
CA LEU A 233 3.84 13.44 -11.98
C LEU A 233 3.33 13.62 -13.41
N SER A 234 2.05 13.94 -13.56
CA SER A 234 1.39 14.32 -14.83
C SER A 234 1.12 15.84 -14.85
N VAL A 235 1.63 16.57 -15.85
CA VAL A 235 1.36 18.03 -16.01
C VAL A 235 0.91 18.38 -17.44
N ASP A 236 0.01 19.37 -17.56
CA ASP A 236 -0.24 20.17 -18.79
C ASP A 236 0.99 21.03 -19.09
N LYS A 237 1.65 20.88 -20.26
CA LYS A 237 3.04 21.37 -20.50
C LYS A 237 3.12 22.90 -20.66
N ASP A 238 3.13 23.68 -19.57
CA ASP A 238 2.85 25.15 -19.54
C ASP A 238 3.55 25.86 -18.37
N LYS A 239 2.90 26.87 -17.78
CA LYS A 239 3.44 27.88 -16.81
C LYS A 239 4.55 28.71 -17.47
N VAL B . -8.91 -6.41 4.20
CA VAL B . -8.71 -7.81 4.67
C VAL B . -9.31 -8.75 3.61
O VAL B . -9.09 -9.97 3.52
CB VAL B . -9.30 -8.01 6.08
CG1 VAL B . -10.82 -7.85 6.10
CG2 VAL B . -8.91 -9.35 6.67
OXT VAL B . -10.04 -8.25 2.77
NA NA C . 13.87 11.57 7.05
CL CL D . -12.76 -12.33 18.44
#